data_1ASD
#
_entry.id   1ASD
#
_cell.length_a   157.960
_cell.length_b   85.410
_cell.length_c   78.480
_cell.angle_alpha   90.00
_cell.angle_beta   90.00
_cell.angle_gamma   90.00
#
_symmetry.space_group_name_H-M   'C 2 2 21'
#
loop_
_entity.id
_entity.type
_entity.pdbx_description
1 polymer 'ASPARTATE AMINOTRANSFERASE'
2 non-polymer "N-METHYL-PYRIDOXAL-5'-PHOSPHATE"
3 non-polymer 'MALEIC ACID'
4 water water
#
_entity_poly.entity_id   1
_entity_poly.type   'polypeptide(L)'
_entity_poly.pdbx_seq_one_letter_code
;MFENITAAPADPILGLADLFRADERPGKINLGIGVYKDETGKTPVLTSVKKAEQYLLENETTKNYLGIDGIPEFGRCTQE
LLFGKGSALINDKRARTAQTPGGTGALRVAADFLAKNTSVKRVWVSNPSWPNHKSVFNSAGLEVREYAYYDAENHTLDFD
ALINSLNEAQAGDVVLFHGCCHNPTGIDPTLEQWQTLAQLSVEKGWLPLFDFAYQGFARGLEEDAEGLRAFAAMHKELIV
ASSYSKNFGLYNERVGACTLVAADSETVDRAFSQMKAAIRANYSNPPAHGASVVATILSNDALRAIWEQELTDMRQRIQR
MRQLFVNTLQEKGANRDFSFIIKQNGMFSFSGLTKEQVLRLREEFGVYAVASGRVNVAGMTPDNMAPLCEAIVAVL
;
_entity_poly.pdbx_strand_id   A
#
# COMPACT_ATOMS: atom_id res chain seq x y z
N MET A 1 37.71 6.77 -0.62
CA MET A 1 36.65 6.19 0.17
C MET A 1 35.63 5.46 -0.67
N PHE A 2 35.44 5.84 -1.94
CA PHE A 2 34.39 5.29 -2.79
C PHE A 2 34.82 4.37 -3.95
N GLU A 3 36.08 3.97 -4.01
CA GLU A 3 36.66 3.23 -5.12
C GLU A 3 36.18 1.80 -5.30
N ASN A 4 35.72 1.20 -4.22
CA ASN A 4 35.29 -0.20 -4.16
C ASN A 4 33.80 -0.37 -3.96
N ILE A 5 33.05 0.74 -3.99
CA ILE A 5 31.63 0.67 -3.84
C ILE A 5 31.12 0.13 -5.16
N THR A 6 30.58 -1.07 -5.07
CA THR A 6 29.97 -1.65 -6.23
C THR A 6 28.51 -1.18 -6.31
N ALA A 7 28.07 -1.17 -7.57
CA ALA A 7 26.74 -0.72 -7.92
C ALA A 7 25.59 -1.58 -7.39
N ALA A 8 24.62 -0.87 -6.85
CA ALA A 8 23.39 -1.49 -6.40
C ALA A 8 22.60 -1.93 -7.65
N PRO A 9 21.90 -3.05 -7.65
CA PRO A 9 21.00 -3.42 -8.72
C PRO A 9 19.79 -2.49 -8.73
N ALA A 10 19.17 -2.41 -9.91
CA ALA A 10 17.98 -1.60 -10.11
C ALA A 10 16.81 -2.13 -9.28
N ASP A 11 15.93 -1.18 -8.94
CA ASP A 11 14.75 -1.47 -8.15
C ASP A 11 13.82 -2.19 -9.10
N PRO A 12 13.22 -3.33 -8.74
CA PRO A 12 12.24 -4.04 -9.56
C PRO A 12 11.02 -3.25 -9.99
N ILE A 13 10.56 -2.30 -9.14
CA ILE A 13 9.40 -1.48 -9.51
C ILE A 13 9.79 -0.11 -10.03
N LEU A 14 10.53 0.66 -9.21
CA LEU A 14 10.90 2.01 -9.58
C LEU A 14 11.90 2.08 -10.72
N GLY A 15 12.82 1.09 -10.80
CA GLY A 15 13.77 0.96 -11.89
C GLY A 15 13.13 0.73 -13.27
N LEU A 16 11.83 0.37 -13.32
CA LEU A 16 11.13 0.16 -14.57
C LEU A 16 10.79 1.45 -15.25
N ALA A 17 10.52 2.53 -14.50
CA ALA A 17 10.24 3.81 -15.14
C ALA A 17 11.50 4.34 -15.78
N ASP A 18 12.71 4.05 -15.26
CA ASP A 18 13.98 4.48 -15.87
C ASP A 18 14.20 3.90 -17.26
N LEU A 19 13.85 2.62 -17.37
CA LEU A 19 13.96 1.83 -18.58
C LEU A 19 12.92 2.16 -19.62
N PHE A 20 11.68 2.37 -19.16
CA PHE A 20 10.55 2.67 -20.01
C PHE A 20 10.81 4.03 -20.65
N ARG A 21 11.31 4.99 -19.88
CA ARG A 21 11.58 6.34 -20.38
C ARG A 21 12.89 6.45 -21.14
N ALA A 22 13.58 5.33 -21.29
CA ALA A 22 14.76 5.26 -22.12
C ALA A 22 14.44 4.43 -23.36
N ASP A 23 13.24 3.85 -23.45
CA ASP A 23 12.79 3.10 -24.61
C ASP A 23 12.22 4.05 -25.66
N GLU A 24 12.75 3.86 -26.87
CA GLU A 24 12.50 4.69 -28.04
C GLU A 24 11.32 4.24 -28.89
N ARG A 25 10.78 3.05 -28.62
CA ARG A 25 9.73 2.47 -29.42
C ARG A 25 8.39 3.21 -29.36
N PRO A 26 7.72 3.53 -30.47
CA PRO A 26 6.49 4.32 -30.49
C PRO A 26 5.19 3.55 -30.26
N GLY A 27 5.17 2.73 -29.24
CA GLY A 27 3.99 1.94 -28.90
C GLY A 27 4.14 1.23 -27.57
N LYS A 28 5.20 1.55 -26.81
CA LYS A 28 5.47 0.91 -25.54
C LYS A 28 4.43 1.19 -24.46
N ILE A 29 4.05 0.18 -23.66
CA ILE A 29 2.96 0.32 -22.69
C ILE A 29 3.51 0.13 -21.28
N ASN A 30 3.24 1.05 -20.31
CA ASN A 30 3.89 0.96 -19.00
C ASN A 30 3.40 -0.11 -18.03
N LEU A 31 2.19 -0.34 -17.49
CA LEU A 31 1.96 -1.55 -16.61
C LEU A 31 2.87 -1.99 -15.43
N GLY A 32 3.91 -1.23 -15.04
CA GLY A 32 4.82 -1.58 -13.96
C GLY A 32 4.45 -0.98 -12.59
N ILE A 33 4.76 0.30 -12.32
CA ILE A 33 4.48 0.92 -11.03
C ILE A 33 2.98 1.16 -10.81
N GLY A 34 2.49 1.01 -9.58
CA GLY A 34 1.09 1.16 -9.23
C GLY A 34 0.62 2.60 -9.06
N VAL A 35 0.32 3.14 -10.23
CA VAL A 35 -0.20 4.47 -10.43
C VAL A 35 -1.47 4.30 -11.29
N TYR A 36 -2.58 4.94 -10.92
CA TYR A 36 -3.81 4.94 -11.68
C TYR A 36 -3.68 5.73 -12.99
N LYS A 37 -4.37 5.25 -14.02
CA LYS A 37 -4.50 6.00 -15.27
C LYS A 37 -5.96 6.11 -15.61
N ASP A 38 -6.39 7.21 -16.23
CA ASP A 38 -7.77 7.33 -16.66
C ASP A 38 -7.89 6.80 -18.08
N GLU A 39 -9.07 6.90 -18.69
CA GLU A 39 -9.36 6.36 -20.01
C GLU A 39 -8.49 6.88 -21.15
N THR A 40 -7.84 8.02 -20.90
CA THR A 40 -6.99 8.63 -21.90
C THR A 40 -5.52 8.29 -21.71
N GLY A 41 -5.20 7.53 -20.66
CA GLY A 41 -3.82 7.14 -20.39
C GLY A 41 -2.99 8.16 -19.62
N LYS A 42 -3.67 9.12 -19.00
CA LYS A 42 -3.07 10.17 -18.19
C LYS A 42 -3.30 9.90 -16.73
N THR A 43 -2.36 10.28 -15.88
CA THR A 43 -2.57 10.21 -14.43
C THR A 43 -2.90 11.65 -14.04
N PRO A 44 -4.14 12.05 -13.88
CA PRO A 44 -4.46 13.42 -13.57
C PRO A 44 -4.37 13.75 -12.07
N VAL A 45 -4.15 15.04 -11.79
CA VAL A 45 -4.29 15.48 -10.44
C VAL A 45 -5.79 15.72 -10.26
N LEU A 46 -6.38 15.01 -9.29
CA LEU A 46 -7.80 15.06 -8.93
C LEU A 46 -8.36 16.45 -8.76
N THR A 47 -9.65 16.64 -9.04
CA THR A 47 -10.29 17.94 -8.94
C THR A 47 -10.40 18.40 -7.48
N SER A 48 -10.63 17.42 -6.58
CA SER A 48 -10.81 17.74 -5.18
C SER A 48 -9.50 18.25 -4.62
N VAL A 49 -8.35 17.77 -5.10
CA VAL A 49 -7.09 18.26 -4.55
C VAL A 49 -6.73 19.58 -5.23
N LYS A 50 -7.10 19.81 -6.49
CA LYS A 50 -6.77 21.03 -7.22
C LYS A 50 -7.49 22.20 -6.59
N LYS A 51 -8.72 21.97 -6.12
CA LYS A 51 -9.50 22.97 -5.42
C LYS A 51 -8.95 23.22 -4.00
N ALA A 52 -8.45 22.18 -3.33
CA ALA A 52 -7.87 22.33 -2.00
C ALA A 52 -6.58 23.15 -2.10
N GLU A 53 -5.80 22.89 -3.16
CA GLU A 53 -4.54 23.59 -3.42
C GLU A 53 -4.81 25.06 -3.71
N GLN A 54 -5.94 25.37 -4.39
CA GLN A 54 -6.39 26.75 -4.63
C GLN A 54 -6.59 27.42 -3.27
N TYR A 55 -7.30 26.72 -2.36
CA TYR A 55 -7.65 27.24 -1.07
C TYR A 55 -6.36 27.60 -0.32
N LEU A 56 -5.42 26.67 -0.31
CA LEU A 56 -4.17 26.80 0.37
C LEU A 56 -3.39 28.00 -0.10
N LEU A 57 -3.44 28.21 -1.42
CA LEU A 57 -2.75 29.31 -2.05
C LEU A 57 -3.23 30.64 -1.49
N GLU A 58 -4.54 30.81 -1.38
CA GLU A 58 -5.11 32.06 -0.94
C GLU A 58 -5.26 32.17 0.55
N ASN A 59 -5.15 31.06 1.29
CA ASN A 59 -5.35 31.17 2.72
C ASN A 59 -4.14 30.89 3.61
N GLU A 60 -2.97 30.40 3.12
CA GLU A 60 -1.77 30.22 3.93
C GLU A 60 -1.07 31.55 4.14
N THR A 61 -0.46 31.65 5.34
CA THR A 61 0.23 32.84 5.86
C THR A 61 1.71 32.61 6.08
N THR A 62 2.06 31.38 6.44
CA THR A 62 3.41 30.99 6.77
C THR A 62 3.77 29.61 6.27
N LYS A 63 5.07 29.39 6.12
CA LYS A 63 5.58 28.07 5.84
C LYS A 63 6.37 27.61 7.08
N ASN A 64 6.17 28.20 8.25
CA ASN A 64 6.87 27.85 9.50
C ASN A 64 6.67 26.38 9.90
N TYR A 65 7.77 25.78 10.37
CA TYR A 65 7.87 24.39 10.79
C TYR A 65 6.70 23.89 11.58
N LEU A 66 6.24 22.77 11.05
CA LEU A 66 5.20 21.96 11.63
C LEU A 66 5.81 21.19 12.82
N GLY A 67 5.03 20.66 13.76
CA GLY A 67 5.56 19.85 14.83
C GLY A 67 6.08 18.54 14.28
N ILE A 68 6.87 17.81 15.08
CA ILE A 68 7.48 16.57 14.64
C ILE A 68 6.51 15.58 14.08
N ASP A 69 5.35 15.53 14.70
CA ASP A 69 4.26 14.65 14.29
C ASP A 69 3.28 15.20 13.24
N GLY A 70 3.52 16.40 12.73
CA GLY A 70 2.70 16.97 11.67
C GLY A 70 1.41 17.65 12.12
N ILE A 71 0.47 17.83 11.18
CA ILE A 71 -0.77 18.54 11.38
C ILE A 71 -1.70 17.71 12.23
N PRO A 72 -2.23 18.16 13.38
CA PRO A 72 -3.14 17.39 14.21
C PRO A 72 -4.49 17.10 13.55
N GLU A 73 -5.00 18.00 12.70
CA GLU A 73 -6.28 17.79 12.03
C GLU A 73 -6.15 16.53 11.19
N PHE A 74 -5.03 16.41 10.49
CA PHE A 74 -4.67 15.27 9.66
C PHE A 74 -4.71 13.97 10.49
N GLY A 75 -4.00 13.99 11.61
CA GLY A 75 -3.94 12.89 12.57
C GLY A 75 -5.30 12.46 13.10
N ARG A 76 -6.24 13.38 13.44
CA ARG A 76 -7.57 13.01 13.91
C ARG A 76 -8.38 12.41 12.78
N CYS A 77 -8.39 13.01 11.58
CA CYS A 77 -9.10 12.53 10.39
C CYS A 77 -8.65 11.12 9.95
N THR A 78 -7.33 10.84 10.08
CA THR A 78 -6.76 9.55 9.72
C THR A 78 -7.32 8.50 10.66
N GLN A 79 -7.21 8.68 11.99
CA GLN A 79 -7.70 7.73 12.99
C GLN A 79 -9.16 7.36 12.84
N GLU A 80 -9.99 8.33 12.45
CA GLU A 80 -11.40 8.11 12.19
C GLU A 80 -11.61 7.30 10.92
N LEU A 81 -10.72 7.43 9.93
CA LEU A 81 -10.84 6.69 8.69
C LEU A 81 -10.47 5.25 8.95
N LEU A 82 -9.42 5.07 9.76
CA LEU A 82 -8.88 3.76 10.05
C LEU A 82 -9.75 3.00 11.03
N PHE A 83 -10.16 3.60 12.15
CA PHE A 83 -10.84 2.87 13.21
C PHE A 83 -12.35 3.07 13.29
N GLY A 84 -12.90 4.13 12.69
CA GLY A 84 -14.32 4.37 12.71
C GLY A 84 -14.64 5.60 13.54
N LYS A 85 -15.66 6.28 13.03
CA LYS A 85 -16.25 7.43 13.67
C LYS A 85 -16.88 6.92 14.97
N GLY A 86 -16.27 7.36 16.08
CA GLY A 86 -16.71 7.03 17.42
C GLY A 86 -16.17 5.71 17.97
N SER A 87 -14.96 5.36 17.60
CA SER A 87 -14.31 4.15 18.06
C SER A 87 -13.83 4.34 19.49
N ALA A 88 -13.67 3.21 20.18
CA ALA A 88 -13.16 3.20 21.54
C ALA A 88 -11.71 3.64 21.65
N LEU A 89 -10.89 3.40 20.61
CA LEU A 89 -9.48 3.76 20.61
C LEU A 89 -9.33 5.25 20.58
N ILE A 90 -10.26 5.93 19.92
CA ILE A 90 -10.20 7.37 19.80
C ILE A 90 -10.70 8.05 21.07
N ASN A 91 -11.72 7.43 21.67
CA ASN A 91 -12.32 7.97 22.87
C ASN A 91 -11.55 7.65 24.16
N ASP A 92 -10.79 6.56 24.23
CA ASP A 92 -9.95 6.28 25.38
C ASP A 92 -8.56 6.89 25.25
N LYS A 93 -8.33 7.66 24.17
CA LYS A 93 -7.07 8.32 23.82
C LYS A 93 -5.89 7.37 23.81
N ARG A 94 -6.20 6.20 23.19
CA ARG A 94 -5.28 5.07 23.03
C ARG A 94 -4.41 5.06 21.80
N ALA A 95 -4.82 5.82 20.80
CA ALA A 95 -4.08 5.95 19.55
C ALA A 95 -3.28 7.25 19.35
N ARG A 96 -2.00 7.24 18.95
CA ARG A 96 -1.27 8.44 18.53
C ARG A 96 -0.73 8.36 17.10
N THR A 97 -0.95 9.36 16.27
CA THR A 97 -0.46 9.32 14.91
C THR A 97 0.44 10.47 14.48
N ALA A 98 1.52 10.05 13.84
CA ALA A 98 2.48 10.97 13.24
C ALA A 98 2.29 10.95 11.71
N GLN A 99 2.42 12.13 11.13
CA GLN A 99 2.39 12.36 9.70
C GLN A 99 3.77 12.02 9.14
N THR A 100 3.89 11.21 8.09
CA THR A 100 5.17 10.83 7.54
C THR A 100 5.24 11.14 6.05
N PRO A 101 6.41 11.08 5.41
CA PRO A 101 6.56 10.99 3.95
C PRO A 101 6.20 9.64 3.32
N GLY A 102 4.87 9.51 3.10
CA GLY A 102 4.23 8.37 2.48
C GLY A 102 4.19 7.15 3.39
N GLY A 103 3.60 6.05 2.90
CA GLY A 103 3.55 4.79 3.61
C GLY A 103 4.93 4.19 3.76
N THR A 104 5.92 4.45 2.88
CA THR A 104 7.25 3.87 3.04
C THR A 104 7.92 4.46 4.25
N GLY A 105 7.77 5.81 4.36
CA GLY A 105 8.28 6.63 5.46
C GLY A 105 7.64 6.20 6.77
N ALA A 106 6.34 5.88 6.75
CA ALA A 106 5.65 5.39 7.94
C ALA A 106 6.20 4.02 8.35
N LEU A 107 6.49 3.13 7.40
CA LEU A 107 7.03 1.82 7.64
C LEU A 107 8.45 1.94 8.21
N ARG A 108 9.30 2.88 7.76
CA ARG A 108 10.66 3.04 8.31
C ARG A 108 10.71 3.61 9.74
N VAL A 109 9.86 4.62 10.04
CA VAL A 109 9.68 5.23 11.34
C VAL A 109 9.24 4.13 12.30
N ALA A 110 8.34 3.24 11.83
CA ALA A 110 7.93 2.10 12.64
C ALA A 110 9.09 1.14 12.92
N ALA A 111 9.91 0.79 11.93
CA ALA A 111 11.06 -0.10 12.09
C ALA A 111 12.13 0.47 13.02
N ASP A 112 12.39 1.79 12.94
CA ASP A 112 13.36 2.46 13.80
C ASP A 112 12.95 2.51 15.25
N PHE A 113 11.67 2.80 15.45
CA PHE A 113 11.04 2.86 16.75
C PHE A 113 11.19 1.49 17.41
N LEU A 114 10.70 0.45 16.74
CA LEU A 114 10.77 -0.91 17.21
C LEU A 114 12.19 -1.42 17.46
N ALA A 115 13.18 -1.08 16.62
CA ALA A 115 14.55 -1.53 16.77
C ALA A 115 15.22 -0.92 18.00
N LYS A 116 14.96 0.37 18.25
CA LYS A 116 15.53 1.12 19.37
C LYS A 116 14.84 1.01 20.73
N ASN A 117 13.52 0.77 20.77
CA ASN A 117 12.71 0.81 21.97
C ASN A 117 11.98 -0.48 22.40
N THR A 118 12.18 -1.56 21.64
CA THR A 118 11.52 -2.83 21.83
C THR A 118 12.58 -3.93 21.72
N SER A 119 12.19 -5.14 22.09
CA SER A 119 13.03 -6.30 22.02
C SER A 119 12.84 -7.09 20.72
N VAL A 120 12.18 -6.56 19.66
CA VAL A 120 12.04 -7.33 18.42
C VAL A 120 13.30 -7.49 17.61
N LYS A 121 13.35 -8.65 16.95
CA LYS A 121 14.41 -9.04 16.05
C LYS A 121 13.76 -9.45 14.76
N ARG A 122 12.67 -10.22 14.78
CA ARG A 122 12.03 -10.69 13.55
C ARG A 122 10.76 -9.98 13.19
N VAL A 123 10.61 -9.71 11.89
CA VAL A 123 9.37 -9.24 11.25
C VAL A 123 8.97 -10.34 10.25
N TRP A 124 7.71 -10.76 10.23
CA TRP A 124 7.18 -11.79 9.35
C TRP A 124 6.38 -11.10 8.27
N VAL A 125 6.75 -11.34 7.02
CA VAL A 125 6.09 -10.77 5.83
C VAL A 125 5.65 -11.90 4.87
N SER A 126 4.52 -11.70 4.18
CA SER A 126 4.00 -12.71 3.29
C SER A 126 4.86 -13.04 2.11
N ASN A 127 4.66 -14.26 1.65
CA ASN A 127 5.24 -14.76 0.44
C ASN A 127 4.07 -14.89 -0.53
N PRO A 128 3.94 -14.03 -1.53
CA PRO A 128 4.85 -12.95 -1.84
C PRO A 128 4.47 -11.61 -1.19
N SER A 129 5.34 -10.59 -1.30
CA SER A 129 5.00 -9.26 -0.77
C SER A 129 5.58 -8.14 -1.64
N TRP A 130 5.32 -6.86 -1.32
CA TRP A 130 5.95 -5.71 -1.96
C TRP A 130 7.45 -5.91 -1.71
N PRO A 131 8.36 -5.80 -2.70
CA PRO A 131 9.81 -6.04 -2.59
C PRO A 131 10.57 -5.23 -1.58
N ASN A 132 10.05 -4.00 -1.46
CA ASN A 132 10.64 -3.01 -0.61
C ASN A 132 10.31 -3.18 0.87
N HIS A 133 9.54 -4.20 1.25
CA HIS A 133 9.25 -4.48 2.63
C HIS A 133 10.52 -4.98 3.27
N LYS A 134 11.25 -5.89 2.60
CA LYS A 134 12.48 -6.51 3.12
C LYS A 134 13.52 -5.45 3.45
N SER A 135 13.73 -4.62 2.41
CA SER A 135 14.65 -3.50 2.39
C SER A 135 14.48 -2.47 3.51
N VAL A 136 13.25 -2.09 3.84
CA VAL A 136 12.99 -1.13 4.92
C VAL A 136 13.30 -1.71 6.30
N PHE A 137 12.86 -2.94 6.59
CA PHE A 137 13.06 -3.50 7.92
C PHE A 137 14.52 -3.84 8.15
N ASN A 138 15.22 -4.31 7.12
CA ASN A 138 16.63 -4.66 7.17
C ASN A 138 17.48 -3.40 7.38
N SER A 139 17.05 -2.23 6.89
CA SER A 139 17.70 -0.94 7.17
C SER A 139 17.74 -0.56 8.64
N ALA A 140 16.77 -1.06 9.41
CA ALA A 140 16.65 -0.80 10.84
C ALA A 140 17.42 -1.80 11.70
N GLY A 141 17.83 -2.90 11.07
CA GLY A 141 18.58 -3.95 11.71
C GLY A 141 17.78 -5.21 11.97
N LEU A 142 16.51 -5.20 11.59
CA LEU A 142 15.60 -6.29 11.87
C LEU A 142 15.67 -7.38 10.82
N GLU A 143 15.60 -8.66 11.21
CA GLU A 143 15.51 -9.71 10.21
C GLU A 143 14.09 -9.93 9.76
N VAL A 144 13.98 -10.40 8.53
CA VAL A 144 12.71 -10.62 7.86
C VAL A 144 12.56 -12.10 7.57
N ARG A 145 11.61 -12.71 8.26
CA ARG A 145 11.26 -14.08 7.97
C ARG A 145 9.97 -14.16 7.13
N GLU A 146 9.77 -15.26 6.41
CA GLU A 146 8.65 -15.39 5.50
C GLU A 146 7.53 -16.35 5.88
N TYR A 147 6.28 -15.91 5.67
CA TYR A 147 5.12 -16.79 5.86
C TYR A 147 4.35 -17.11 4.59
N ALA A 148 3.94 -18.37 4.38
CA ALA A 148 3.17 -18.73 3.19
C ALA A 148 1.87 -17.96 3.02
N TYR A 149 1.42 -17.70 1.79
CA TYR A 149 0.22 -16.94 1.61
C TYR A 149 -0.56 -17.41 0.39
N TYR A 150 0.07 -17.44 -0.78
CA TYR A 150 -0.62 -17.75 -2.01
C TYR A 150 -0.48 -19.21 -2.47
N ASP A 151 -1.56 -19.72 -3.04
CA ASP A 151 -1.57 -21.00 -3.69
C ASP A 151 -1.72 -20.64 -5.15
N ALA A 152 -0.62 -20.85 -5.86
CA ALA A 152 -0.55 -20.49 -7.28
C ALA A 152 -1.35 -21.44 -8.15
N GLU A 153 -1.71 -22.63 -7.68
CA GLU A 153 -2.46 -23.59 -8.46
C GLU A 153 -3.90 -23.15 -8.58
N ASN A 154 -4.57 -22.99 -7.43
CA ASN A 154 -6.00 -22.66 -7.40
C ASN A 154 -6.31 -21.17 -7.44
N HIS A 155 -5.24 -20.37 -7.30
CA HIS A 155 -5.21 -18.92 -7.29
C HIS A 155 -6.02 -18.35 -6.12
N THR A 156 -5.70 -18.89 -4.97
CA THR A 156 -6.35 -18.60 -3.70
C THR A 156 -5.35 -18.37 -2.57
N LEU A 157 -5.86 -17.87 -1.46
CA LEU A 157 -5.11 -17.79 -0.21
C LEU A 157 -5.06 -19.17 0.42
N ASP A 158 -3.86 -19.71 0.54
CA ASP A 158 -3.68 -20.98 1.22
C ASP A 158 -3.65 -20.71 2.74
N PHE A 159 -4.85 -20.68 3.32
CA PHE A 159 -5.05 -20.28 4.70
C PHE A 159 -4.50 -21.23 5.73
N ASP A 160 -4.62 -22.54 5.49
CA ASP A 160 -4.06 -23.59 6.34
C ASP A 160 -2.55 -23.53 6.30
N ALA A 161 -1.91 -23.25 5.15
CA ALA A 161 -0.47 -23.08 5.09
C ALA A 161 0.05 -21.77 5.71
N LEU A 162 -0.73 -20.66 5.71
CA LEU A 162 -0.40 -19.40 6.37
C LEU A 162 -0.38 -19.67 7.86
N ILE A 163 -1.45 -20.30 8.43
CA ILE A 163 -1.59 -20.63 9.85
C ILE A 163 -0.39 -21.45 10.30
N ASN A 164 -0.05 -22.43 9.46
CA ASN A 164 1.03 -23.34 9.77
C ASN A 164 2.41 -22.73 9.76
N SER A 165 2.63 -21.78 8.83
CA SER A 165 3.88 -21.06 8.67
C SER A 165 4.20 -20.22 9.87
N LEU A 166 3.15 -19.59 10.34
CA LEU A 166 3.21 -18.68 11.47
C LEU A 166 3.26 -19.33 12.83
N ASN A 167 3.35 -20.66 12.91
CA ASN A 167 3.52 -21.32 14.17
C ASN A 167 4.98 -21.31 14.57
N GLU A 168 5.93 -20.96 13.67
CA GLU A 168 7.36 -20.81 14.00
C GLU A 168 7.64 -19.37 14.50
N ALA A 169 6.60 -18.53 14.51
CA ALA A 169 6.69 -17.16 14.96
C ALA A 169 6.43 -17.10 16.46
N GLN A 170 7.44 -16.54 17.13
CA GLN A 170 7.45 -16.44 18.58
C GLN A 170 6.67 -15.28 19.16
N ALA A 171 6.49 -15.27 20.46
CA ALA A 171 5.80 -14.19 21.15
C ALA A 171 6.81 -13.06 21.16
N GLY A 172 6.38 -11.86 20.78
CA GLY A 172 7.28 -10.71 20.71
C GLY A 172 7.69 -10.38 19.28
N ASP A 173 7.37 -11.22 18.30
CA ASP A 173 7.67 -10.99 16.91
C ASP A 173 6.61 -10.13 16.28
N VAL A 174 7.02 -9.46 15.20
CA VAL A 174 6.12 -8.62 14.45
C VAL A 174 5.57 -9.39 13.25
N VAL A 175 4.25 -9.37 13.03
CA VAL A 175 3.70 -9.96 11.82
C VAL A 175 3.07 -8.81 11.05
N LEU A 176 3.57 -8.59 9.82
CA LEU A 176 3.05 -7.58 8.92
C LEU A 176 1.91 -8.17 8.12
N PHE A 177 0.77 -7.48 8.20
CA PHE A 177 -0.42 -7.84 7.43
C PHE A 177 -0.74 -6.71 6.46
N HIS A 178 -1.20 -7.01 5.24
CA HIS A 178 -1.74 -5.96 4.36
C HIS A 178 -3.26 -5.83 4.62
N GLY A 179 -3.76 -4.63 4.97
CA GLY A 179 -5.13 -4.32 5.31
C GLY A 179 -6.15 -4.68 4.24
N CYS A 180 -5.82 -4.37 3.00
CA CYS A 180 -6.61 -4.71 1.83
C CYS A 180 -5.73 -4.54 0.59
N CYS A 181 -6.25 -5.06 -0.54
CA CYS A 181 -5.65 -5.13 -1.87
C CYS A 181 -4.21 -5.64 -1.76
N HIS A 182 -4.03 -6.90 -1.37
CA HIS A 182 -2.72 -7.50 -1.19
C HIS A 182 -1.80 -7.27 -2.36
N ASN A 183 -0.65 -6.70 -2.03
CA ASN A 183 0.38 -6.45 -3.02
C ASN A 183 1.47 -7.54 -2.93
N PRO A 184 1.66 -8.49 -3.87
CA PRO A 184 1.15 -8.45 -5.24
C PRO A 184 -0.07 -9.26 -5.65
N THR A 185 -0.55 -10.20 -4.83
CA THR A 185 -1.53 -11.19 -5.28
C THR A 185 -2.93 -10.70 -5.55
N GLY A 186 -3.39 -9.72 -4.80
CA GLY A 186 -4.72 -9.17 -4.94
C GLY A 186 -5.73 -9.95 -4.11
N ILE A 187 -5.28 -10.99 -3.39
CA ILE A 187 -6.15 -11.88 -2.61
C ILE A 187 -6.15 -11.43 -1.17
N ASP A 188 -7.33 -11.11 -0.64
CA ASP A 188 -7.46 -10.70 0.76
C ASP A 188 -8.15 -11.77 1.58
N PRO A 189 -7.93 -11.92 2.89
CA PRO A 189 -8.75 -12.71 3.77
C PRO A 189 -10.19 -12.19 3.80
N THR A 190 -11.12 -13.12 4.07
CA THR A 190 -12.53 -12.83 4.34
C THR A 190 -12.66 -12.29 5.75
N LEU A 191 -13.76 -11.64 6.20
CA LEU A 191 -13.90 -11.17 7.57
C LEU A 191 -13.69 -12.28 8.58
N GLU A 192 -14.17 -13.47 8.21
CA GLU A 192 -14.10 -14.65 9.03
C GLU A 192 -12.63 -15.03 9.15
N GLN A 193 -11.84 -14.92 8.08
CA GLN A 193 -10.43 -15.29 8.15
C GLN A 193 -9.64 -14.28 8.93
N TRP A 194 -10.07 -13.00 8.84
CA TRP A 194 -9.44 -11.93 9.60
C TRP A 194 -9.77 -12.11 11.08
N GLN A 195 -10.96 -12.58 11.48
CA GLN A 195 -11.29 -12.83 12.88
C GLN A 195 -10.49 -13.96 13.54
N THR A 196 -10.33 -15.08 12.82
CA THR A 196 -9.51 -16.22 13.19
C THR A 196 -8.08 -15.76 13.45
N LEU A 197 -7.58 -14.95 12.48
CA LEU A 197 -6.24 -14.38 12.51
C LEU A 197 -6.10 -13.45 13.72
N ALA A 198 -7.16 -12.71 14.08
CA ALA A 198 -7.05 -11.84 15.22
C ALA A 198 -6.97 -12.56 16.55
N GLN A 199 -7.78 -13.60 16.77
CA GLN A 199 -7.77 -14.31 18.01
C GLN A 199 -6.44 -15.07 18.13
N LEU A 200 -5.92 -15.62 17.02
CA LEU A 200 -4.63 -16.32 17.03
C LEU A 200 -3.44 -15.39 17.35
N SER A 201 -3.41 -14.12 16.91
CA SER A 201 -2.35 -13.15 17.26
C SER A 201 -2.30 -12.86 18.76
N VAL A 202 -3.49 -12.74 19.41
CA VAL A 202 -3.65 -12.49 20.84
C VAL A 202 -3.11 -13.69 21.65
N GLU A 203 -3.48 -14.87 21.20
CA GLU A 203 -3.15 -16.12 21.82
C GLU A 203 -1.63 -16.36 21.79
N LYS A 204 -0.98 -16.09 20.66
CA LYS A 204 0.44 -16.33 20.47
C LYS A 204 1.41 -15.16 20.75
N GLY A 205 0.84 -13.98 20.96
CA GLY A 205 1.53 -12.77 21.37
C GLY A 205 2.35 -12.08 20.30
N TRP A 206 1.80 -11.99 19.11
CA TRP A 206 2.48 -11.32 18.03
C TRP A 206 2.08 -9.82 18.04
N LEU A 207 2.96 -8.89 17.63
CA LEU A 207 2.57 -7.48 17.49
C LEU A 207 2.13 -7.20 16.04
N PRO A 208 0.86 -6.86 15.73
CA PRO A 208 0.39 -6.62 14.38
C PRO A 208 0.95 -5.34 13.84
N LEU A 209 1.45 -5.43 12.63
CA LEU A 209 1.87 -4.24 11.93
C LEU A 209 1.00 -4.26 10.66
N PHE A 210 0.05 -3.34 10.56
CA PHE A 210 -0.75 -3.25 9.34
C PHE A 210 -0.22 -2.26 8.30
N ASP A 211 -0.09 -2.77 7.08
CA ASP A 211 0.24 -1.95 5.92
C ASP A 211 -1.06 -1.69 5.15
N PHE A 212 -1.36 -0.40 5.09
CA PHE A 212 -2.63 0.04 4.58
C PHE A 212 -2.47 1.16 3.57
N ALA A 213 -2.11 0.77 2.34
CA ALA A 213 -1.87 1.67 1.21
C ALA A 213 -2.98 1.88 0.20
N TYR A 214 -3.97 0.99 0.27
CA TYR A 214 -5.05 0.95 -0.70
C TYR A 214 -6.45 1.11 -0.10
N GLN A 215 -6.72 2.01 0.84
CA GLN A 215 -8.07 2.15 1.40
C GLN A 215 -9.00 2.84 0.39
N GLY A 216 -10.09 2.15 0.10
CA GLY A 216 -11.06 2.58 -0.88
C GLY A 216 -10.99 1.80 -2.19
N PHE A 217 -9.96 1.01 -2.47
CA PHE A 217 -9.79 0.30 -3.75
C PHE A 217 -10.35 -1.12 -3.89
N ALA A 218 -10.76 -1.77 -2.79
CA ALA A 218 -11.36 -3.08 -2.86
C ALA A 218 -12.89 -2.97 -2.94
N ARG A 219 -13.60 -2.70 -1.85
CA ARG A 219 -15.04 -2.57 -1.85
C ARG A 219 -15.46 -1.14 -1.47
N GLY A 220 -14.75 -0.49 -0.55
CA GLY A 220 -14.99 0.87 -0.16
C GLY A 220 -14.19 1.19 1.07
N LEU A 221 -14.22 2.45 1.50
CA LEU A 221 -13.47 2.98 2.63
C LEU A 221 -13.61 2.27 3.94
N GLU A 222 -14.85 2.02 4.34
CA GLU A 222 -15.13 1.41 5.63
C GLU A 222 -15.02 -0.10 5.61
N GLU A 223 -15.36 -0.70 4.48
CA GLU A 223 -15.34 -2.14 4.25
C GLU A 223 -13.90 -2.63 4.25
N ASP A 224 -13.03 -1.87 3.57
CA ASP A 224 -11.62 -2.17 3.46
C ASP A 224 -10.93 -2.16 4.82
N ALA A 225 -11.50 -1.44 5.81
CA ALA A 225 -10.93 -1.40 7.15
C ALA A 225 -11.44 -2.46 8.14
N GLU A 226 -12.35 -3.36 7.74
CA GLU A 226 -12.95 -4.40 8.59
C GLU A 226 -11.98 -5.33 9.26
N GLY A 227 -10.89 -5.64 8.56
CA GLY A 227 -9.85 -6.54 9.02
C GLY A 227 -9.00 -5.98 10.16
N LEU A 228 -8.70 -4.69 9.98
CA LEU A 228 -7.93 -3.90 10.90
C LEU A 228 -8.78 -3.71 12.13
N ARG A 229 -10.06 -3.34 11.96
CA ARG A 229 -10.98 -3.08 13.05
C ARG A 229 -11.28 -4.35 13.83
N ALA A 230 -11.26 -5.52 13.19
CA ALA A 230 -11.44 -6.78 13.88
C ALA A 230 -10.27 -7.06 14.82
N PHE A 231 -9.08 -6.67 14.37
CA PHE A 231 -7.86 -6.77 15.14
C PHE A 231 -7.80 -5.73 16.23
N ALA A 232 -8.20 -4.50 15.95
CA ALA A 232 -8.10 -3.40 16.92
C ALA A 232 -8.91 -3.60 18.18
N ALA A 233 -10.01 -4.35 18.00
CA ALA A 233 -10.92 -4.72 19.08
C ALA A 233 -10.32 -5.81 19.97
N MET A 234 -9.52 -6.70 19.42
CA MET A 234 -8.93 -7.79 20.17
C MET A 234 -7.60 -7.46 20.83
N HIS A 235 -6.96 -6.44 20.27
CA HIS A 235 -5.61 -6.09 20.63
C HIS A 235 -5.40 -4.87 21.50
N LYS A 236 -4.41 -5.01 22.39
CA LYS A 236 -4.00 -3.88 23.22
C LYS A 236 -3.05 -2.97 22.48
N GLU A 237 -2.15 -3.54 21.69
CA GLU A 237 -1.13 -2.78 20.95
C GLU A 237 -1.03 -3.21 19.49
N LEU A 238 -0.87 -2.22 18.60
CA LEU A 238 -0.67 -2.42 17.17
C LEU A 238 -0.19 -1.16 16.48
N ILE A 239 0.44 -1.30 15.32
CA ILE A 239 0.86 -0.09 14.65
C ILE A 239 0.35 -0.22 13.20
N VAL A 240 -0.20 0.86 12.64
CA VAL A 240 -0.61 0.86 11.25
C VAL A 240 0.10 1.96 10.43
N ALA A 241 0.72 1.53 9.32
CA ALA A 241 1.38 2.41 8.35
C ALA A 241 0.46 2.62 7.13
N SER A 242 -0.19 3.77 7.12
CA SER A 242 -1.17 4.19 6.14
C SER A 242 -0.55 5.07 5.04
N SER A 243 -1.14 5.12 3.85
CA SER A 243 -0.68 6.00 2.78
C SER A 243 -1.87 6.65 2.08
N TYR A 244 -1.70 7.87 1.57
CA TYR A 244 -2.74 8.58 0.81
C TYR A 244 -2.31 8.85 -0.62
N SER A 245 -1.17 8.28 -1.03
CA SER A 245 -0.62 8.39 -2.38
C SER A 245 -1.62 7.94 -3.45
N LYS A 246 -2.18 6.80 -3.18
CA LYS A 246 -3.09 6.09 -4.09
C LYS A 246 -4.49 6.72 -4.15
N ASN A 247 -5.17 6.66 -3.03
CA ASN A 247 -6.57 7.08 -2.91
C ASN A 247 -6.79 8.59 -3.00
N PHE A 248 -5.71 9.39 -2.98
CA PHE A 248 -5.82 10.81 -3.20
C PHE A 248 -5.10 11.22 -4.45
N GLY A 249 -4.40 10.28 -5.11
CA GLY A 249 -3.59 10.52 -6.30
C GLY A 249 -2.49 11.55 -6.00
N LEU A 250 -1.99 11.57 -4.75
CA LEU A 250 -0.94 12.50 -4.32
C LEU A 250 0.46 11.86 -4.24
N TYR A 251 0.73 10.93 -5.13
CA TYR A 251 1.96 10.15 -5.19
C TYR A 251 3.26 10.88 -4.84
N ASN A 252 3.59 11.99 -5.52
CA ASN A 252 4.88 12.67 -5.35
C ASN A 252 4.94 13.70 -4.25
N GLU A 253 3.82 13.97 -3.56
CA GLU A 253 3.81 14.91 -2.43
C GLU A 253 4.08 14.26 -1.07
N ARG A 254 4.12 12.92 -1.05
CA ARG A 254 4.54 12.09 0.08
C ARG A 254 3.76 12.20 1.37
N VAL A 255 2.52 11.71 1.35
CA VAL A 255 1.66 11.89 2.49
C VAL A 255 1.17 10.55 2.95
N GLY A 256 1.47 10.28 4.21
CA GLY A 256 1.09 9.03 4.86
C GLY A 256 1.05 9.20 6.36
N ALA A 257 0.84 8.11 7.08
CA ALA A 257 0.73 8.19 8.53
C ALA A 257 1.17 6.92 9.26
N CYS A 258 1.83 7.12 10.41
CA CYS A 258 2.22 6.02 11.26
C CYS A 258 1.47 6.17 12.57
N THR A 259 0.51 5.29 12.81
CA THR A 259 -0.32 5.29 14.00
C THR A 259 0.10 4.16 14.93
N LEU A 260 0.36 4.58 16.16
CA LEU A 260 0.79 3.74 17.27
C LEU A 260 -0.38 3.57 18.24
N VAL A 261 -0.77 2.33 18.66
CA VAL A 261 -1.79 2.20 19.71
C VAL A 261 -1.25 1.29 20.83
N ALA A 262 -1.63 1.61 22.07
CA ALA A 262 -1.20 0.85 23.24
C ALA A 262 -2.38 0.69 24.20
N ALA A 263 -2.21 0.12 25.39
CA ALA A 263 -3.30 -0.23 26.29
C ALA A 263 -4.11 0.94 26.83
N ASP A 264 -3.38 2.04 27.07
CA ASP A 264 -3.95 3.26 27.63
C ASP A 264 -3.17 4.47 27.17
N SER A 265 -3.79 5.60 27.45
CA SER A 265 -3.30 6.92 27.19
C SER A 265 -1.85 7.19 27.66
N GLU A 266 -1.50 6.89 28.90
CA GLU A 266 -0.19 7.15 29.49
C GLU A 266 0.97 6.42 28.79
N THR A 267 0.69 5.16 28.44
CA THR A 267 1.65 4.29 27.78
C THR A 267 1.85 4.71 26.34
N VAL A 268 0.78 4.93 25.57
CA VAL A 268 0.91 5.33 24.19
C VAL A 268 1.60 6.67 24.10
N ASP A 269 1.39 7.62 25.05
CA ASP A 269 2.08 8.90 25.00
C ASP A 269 3.57 8.79 25.29
N ARG A 270 3.97 7.88 26.17
CA ARG A 270 5.36 7.56 26.49
C ARG A 270 6.07 6.96 25.28
N ALA A 271 5.38 6.03 24.63
CA ALA A 271 5.88 5.34 23.47
C ALA A 271 6.02 6.29 22.30
N PHE A 272 5.03 7.18 22.13
CA PHE A 272 5.03 8.12 21.03
C PHE A 272 6.15 9.14 21.17
N SER A 273 6.65 9.49 22.37
CA SER A 273 7.72 10.44 22.48
C SER A 273 9.00 9.83 21.94
N GLN A 274 9.15 8.50 21.98
CA GLN A 274 10.30 7.82 21.36
C GLN A 274 10.24 7.75 19.83
N MET A 275 9.01 7.60 19.29
CA MET A 275 8.75 7.60 17.87
C MET A 275 9.02 9.01 17.31
N LYS A 276 8.71 10.06 18.09
CA LYS A 276 9.04 11.44 17.76
C LYS A 276 10.54 11.65 17.77
N ALA A 277 11.29 11.05 18.70
CA ALA A 277 12.73 11.17 18.70
C ALA A 277 13.37 10.47 17.49
N ALA A 278 12.83 9.31 17.04
CA ALA A 278 13.33 8.58 15.87
C ALA A 278 13.08 9.37 14.58
N ILE A 279 11.96 10.09 14.52
CA ILE A 279 11.62 10.94 13.40
C ILE A 279 12.62 12.09 13.41
N ARG A 280 12.94 12.78 14.53
CA ARG A 280 13.85 13.94 14.54
C ARG A 280 15.27 13.57 14.06
N ALA A 281 15.70 12.34 14.34
CA ALA A 281 17.01 11.87 13.91
C ALA A 281 16.95 11.35 12.46
N ASN A 282 15.88 11.58 11.71
CA ASN A 282 15.84 11.16 10.32
C ASN A 282 15.61 12.38 9.41
N TYR A 283 14.39 12.76 9.04
CA TYR A 283 14.06 14.04 8.41
C TYR A 283 13.60 14.82 9.66
N SER A 284 13.28 16.09 9.85
CA SER A 284 13.04 16.54 11.26
C SER A 284 11.57 16.56 11.68
N ASN A 285 10.75 16.94 10.70
CA ASN A 285 9.31 17.11 10.84
C ASN A 285 8.75 16.93 9.41
N PRO A 286 7.45 16.72 9.08
CA PRO A 286 7.02 16.22 7.79
C PRO A 286 6.68 17.29 6.74
N PRO A 287 6.64 17.02 5.43
CA PRO A 287 6.25 17.98 4.37
C PRO A 287 4.79 18.44 4.42
N ALA A 288 4.52 19.74 4.52
CA ALA A 288 3.15 20.17 4.74
C ALA A 288 2.14 20.12 3.59
N HIS A 289 2.50 20.43 2.34
CA HIS A 289 1.55 20.56 1.25
C HIS A 289 0.57 19.42 1.03
N GLY A 290 1.02 18.18 0.78
CA GLY A 290 0.11 17.07 0.50
C GLY A 290 -0.78 16.75 1.67
N ALA A 291 -0.17 16.81 2.87
CA ALA A 291 -0.89 16.51 4.08
C ALA A 291 -1.90 17.60 4.44
N SER A 292 -1.68 18.88 4.12
CA SER A 292 -2.73 19.83 4.42
C SER A 292 -3.75 19.81 3.29
N VAL A 293 -3.47 19.24 2.10
CA VAL A 293 -4.51 19.04 1.07
C VAL A 293 -5.46 17.93 1.61
N VAL A 294 -4.94 16.79 2.12
CA VAL A 294 -5.74 15.70 2.69
C VAL A 294 -6.65 16.23 3.78
N ALA A 295 -6.06 17.00 4.68
CA ALA A 295 -6.78 17.61 5.78
C ALA A 295 -7.84 18.61 5.31
N THR A 296 -7.63 19.46 4.29
CA THR A 296 -8.63 20.42 3.81
C THR A 296 -9.84 19.69 3.24
N ILE A 297 -9.61 18.56 2.57
CA ILE A 297 -10.67 17.80 1.95
C ILE A 297 -11.52 17.04 2.95
N LEU A 298 -10.84 16.33 3.83
CA LEU A 298 -11.50 15.53 4.82
C LEU A 298 -12.35 16.34 5.78
N SER A 299 -12.03 17.65 5.94
CA SER A 299 -12.69 18.61 6.81
C SER A 299 -13.89 19.35 6.26
N ASN A 300 -13.93 19.40 4.94
CA ASN A 300 -14.93 20.16 4.19
C ASN A 300 -15.87 19.19 3.51
N ASP A 301 -17.18 19.29 3.82
CA ASP A 301 -18.21 18.39 3.35
C ASP A 301 -18.35 18.28 1.85
N ALA A 302 -18.16 19.42 1.19
CA ALA A 302 -18.27 19.51 -0.24
C ALA A 302 -17.06 18.90 -0.92
N LEU A 303 -15.86 19.30 -0.51
CA LEU A 303 -14.60 18.79 -1.04
C LEU A 303 -14.46 17.28 -0.74
N ARG A 304 -14.97 16.75 0.38
CA ARG A 304 -14.91 15.33 0.71
C ARG A 304 -15.85 14.57 -0.20
N ALA A 305 -17.01 15.17 -0.48
CA ALA A 305 -18.06 14.59 -1.31
C ALA A 305 -17.62 14.44 -2.76
N ILE A 306 -16.85 15.42 -3.28
CA ILE A 306 -16.28 15.36 -4.64
C ILE A 306 -15.18 14.28 -4.60
N TRP A 307 -14.39 14.11 -3.51
CA TRP A 307 -13.28 13.14 -3.44
C TRP A 307 -13.75 11.69 -3.43
N GLU A 308 -14.71 11.26 -2.59
CA GLU A 308 -15.04 9.84 -2.61
C GLU A 308 -15.86 9.43 -3.80
N GLN A 309 -16.31 10.41 -4.59
CA GLN A 309 -16.89 10.11 -5.88
C GLN A 309 -15.74 9.96 -6.84
N GLU A 310 -14.67 10.77 -6.81
CA GLU A 310 -13.53 10.57 -7.70
C GLU A 310 -12.85 9.26 -7.40
N LEU A 311 -12.83 8.80 -6.15
CA LEU A 311 -12.22 7.54 -5.76
C LEU A 311 -13.11 6.37 -6.18
N THR A 312 -14.45 6.44 -6.11
CA THR A 312 -15.26 5.33 -6.59
C THR A 312 -15.22 5.27 -8.12
N ASP A 313 -14.94 6.38 -8.82
CA ASP A 313 -14.78 6.37 -10.27
C ASP A 313 -13.50 5.63 -10.68
N MET A 314 -12.44 5.82 -9.90
CA MET A 314 -11.16 5.14 -10.11
C MET A 314 -11.38 3.64 -9.87
N ARG A 315 -12.01 3.21 -8.77
CA ARG A 315 -12.17 1.80 -8.46
C ARG A 315 -13.01 1.14 -9.53
N GLN A 316 -14.08 1.81 -10.00
CA GLN A 316 -14.97 1.26 -11.02
C GLN A 316 -14.33 1.17 -12.36
N ARG A 317 -13.44 2.11 -12.71
CA ARG A 317 -12.74 2.03 -13.96
C ARG A 317 -11.81 0.83 -13.94
N ILE A 318 -11.06 0.56 -12.87
CA ILE A 318 -10.16 -0.60 -12.78
C ILE A 318 -10.95 -1.91 -12.93
N GLN A 319 -12.18 -1.95 -12.35
CA GLN A 319 -13.09 -3.08 -12.35
C GLN A 319 -13.48 -3.46 -13.78
N ARG A 320 -13.74 -2.46 -14.63
CA ARG A 320 -14.11 -2.68 -16.02
C ARG A 320 -12.91 -3.18 -16.82
N MET A 321 -11.71 -2.67 -16.55
CA MET A 321 -10.48 -3.06 -17.24
C MET A 321 -10.03 -4.50 -16.88
N ARG A 322 -10.37 -4.98 -15.70
CA ARG A 322 -10.05 -6.31 -15.24
C ARG A 322 -10.90 -7.28 -16.06
N GLN A 323 -12.20 -7.01 -16.28
CA GLN A 323 -13.09 -7.76 -17.16
C GLN A 323 -12.62 -7.70 -18.61
N LEU A 324 -12.32 -6.48 -19.11
CA LEU A 324 -11.91 -6.27 -20.48
C LEU A 324 -10.61 -7.02 -20.73
N PHE A 325 -9.67 -7.15 -19.77
CA PHE A 325 -8.41 -7.89 -19.97
C PHE A 325 -8.71 -9.36 -20.12
N VAL A 326 -9.66 -9.92 -19.36
CA VAL A 326 -10.00 -11.33 -19.40
C VAL A 326 -10.72 -11.71 -20.68
N ASN A 327 -11.62 -10.83 -21.16
CA ASN A 327 -12.39 -11.02 -22.39
C ASN A 327 -11.50 -10.94 -23.61
N THR A 328 -10.52 -10.02 -23.59
CA THR A 328 -9.71 -9.81 -24.77
C THR A 328 -8.61 -10.83 -24.86
N LEU A 329 -8.16 -11.42 -23.75
CA LEU A 329 -7.17 -12.51 -23.79
C LEU A 329 -7.82 -13.74 -24.41
N GLN A 330 -9.13 -13.94 -24.19
CA GLN A 330 -9.88 -15.01 -24.83
C GLN A 330 -10.05 -14.81 -26.32
N GLU A 331 -10.41 -13.62 -26.82
CA GLU A 331 -10.59 -13.44 -28.26
C GLU A 331 -9.29 -13.25 -29.05
N LYS A 332 -8.19 -13.12 -28.34
CA LYS A 332 -6.87 -13.04 -28.94
C LYS A 332 -6.21 -14.43 -28.96
N GLY A 333 -6.85 -15.47 -28.37
CA GLY A 333 -6.37 -16.83 -28.46
C GLY A 333 -5.43 -17.32 -27.37
N ALA A 334 -5.64 -16.88 -26.13
CA ALA A 334 -4.83 -17.35 -25.03
C ALA A 334 -5.44 -18.64 -24.54
N ASN A 335 -4.60 -19.67 -24.50
CA ASN A 335 -5.05 -20.93 -23.95
C ASN A 335 -4.41 -21.09 -22.57
N ARG A 336 -5.26 -20.50 -21.73
CA ARG A 336 -5.18 -20.39 -20.28
C ARG A 336 -6.41 -19.55 -19.98
N ASP A 337 -7.14 -20.10 -18.98
CA ASP A 337 -8.31 -19.43 -18.46
C ASP A 337 -7.73 -18.49 -17.41
N PHE A 338 -7.82 -17.23 -17.80
CA PHE A 338 -7.37 -16.13 -16.99
C PHE A 338 -8.46 -15.52 -16.13
N SER A 339 -9.56 -16.24 -15.91
CA SER A 339 -10.69 -15.74 -15.14
C SER A 339 -10.46 -15.42 -13.67
N PHE A 340 -9.40 -15.97 -13.08
CA PHE A 340 -9.02 -15.77 -11.68
C PHE A 340 -8.62 -14.36 -11.28
N ILE A 341 -8.22 -13.52 -12.27
CA ILE A 341 -7.77 -12.18 -11.97
C ILE A 341 -8.95 -11.27 -11.68
N ILE A 342 -10.15 -11.70 -12.05
CA ILE A 342 -11.36 -10.94 -11.77
C ILE A 342 -11.70 -10.90 -10.27
N LYS A 343 -11.22 -11.93 -9.55
CA LYS A 343 -11.39 -12.12 -8.10
C LYS A 343 -10.34 -11.42 -7.23
N GLN A 344 -9.30 -10.93 -7.91
CA GLN A 344 -8.24 -10.16 -7.29
C GLN A 344 -8.69 -8.71 -7.20
N ASN A 345 -8.36 -7.94 -6.15
CA ASN A 345 -8.71 -6.52 -6.14
C ASN A 345 -7.55 -5.62 -5.84
N GLY A 346 -7.78 -4.40 -6.28
CA GLY A 346 -6.79 -3.35 -6.22
C GLY A 346 -6.43 -2.99 -7.65
N MET A 347 -5.22 -2.47 -7.78
CA MET A 347 -4.72 -2.01 -9.06
C MET A 347 -4.09 -3.08 -9.92
N PHE A 348 -3.76 -4.22 -9.35
CA PHE A 348 -2.94 -5.20 -10.05
C PHE A 348 -3.62 -6.49 -10.41
N SER A 349 -2.93 -7.19 -11.28
CA SER A 349 -3.28 -8.53 -11.69
C SER A 349 -1.98 -9.29 -11.59
N PHE A 350 -2.01 -10.42 -10.89
CA PHE A 350 -0.83 -11.26 -10.75
C PHE A 350 -1.13 -12.42 -11.67
N SER A 351 -0.71 -12.17 -12.92
CA SER A 351 -1.01 -13.01 -14.07
C SER A 351 -0.46 -14.44 -14.11
N GLY A 352 0.58 -14.68 -13.32
CA GLY A 352 1.27 -15.94 -13.31
C GLY A 352 2.26 -16.05 -14.48
N LEU A 353 2.72 -14.96 -15.12
CA LEU A 353 3.72 -15.05 -16.20
C LEU A 353 5.08 -15.35 -15.57
N THR A 354 5.98 -16.03 -16.30
CA THR A 354 7.30 -16.38 -15.78
C THR A 354 8.28 -15.22 -15.96
N LYS A 355 9.44 -15.23 -15.29
CA LYS A 355 10.35 -14.08 -15.40
C LYS A 355 10.84 -13.82 -16.81
N GLU A 356 11.01 -14.94 -17.56
CA GLU A 356 11.42 -14.93 -18.96
C GLU A 356 10.35 -14.39 -19.91
N GLN A 357 9.08 -14.72 -19.68
CA GLN A 357 7.97 -14.21 -20.46
C GLN A 357 7.87 -12.70 -20.26
N VAL A 358 8.05 -12.24 -19.01
CA VAL A 358 8.01 -10.81 -18.65
C VAL A 358 9.13 -10.05 -19.36
N LEU A 359 10.32 -10.65 -19.33
CA LEU A 359 11.50 -10.11 -19.95
C LEU A 359 11.37 -10.09 -21.46
N ARG A 360 10.73 -11.09 -22.09
CA ARG A 360 10.56 -11.14 -23.52
C ARG A 360 9.55 -10.07 -23.89
N LEU A 361 8.48 -9.84 -23.08
CA LEU A 361 7.52 -8.77 -23.32
C LEU A 361 8.14 -7.37 -23.38
N ARG A 362 9.14 -6.96 -22.57
CA ARG A 362 9.71 -5.64 -22.76
C ARG A 362 10.65 -5.63 -23.94
N GLU A 363 11.48 -6.68 -24.13
CA GLU A 363 12.51 -6.68 -25.15
C GLU A 363 12.03 -6.88 -26.58
N GLU A 364 10.79 -7.31 -26.82
CA GLU A 364 10.34 -7.60 -28.17
C GLU A 364 9.06 -6.89 -28.52
N PHE A 365 8.26 -6.67 -27.47
CA PHE A 365 6.96 -6.05 -27.61
C PHE A 365 6.85 -4.71 -26.87
N GLY A 366 7.85 -4.34 -26.06
CA GLY A 366 7.86 -3.11 -25.31
C GLY A 366 6.76 -3.00 -24.26
N VAL A 367 6.15 -4.06 -23.66
CA VAL A 367 5.20 -3.79 -22.59
C VAL A 367 5.99 -4.10 -21.32
N TYR A 368 5.90 -3.17 -20.36
CA TYR A 368 6.68 -3.28 -19.13
C TYR A 368 5.87 -3.83 -17.95
N ALA A 369 6.27 -4.92 -17.31
CA ALA A 369 5.57 -5.49 -16.15
C ALA A 369 6.61 -5.86 -15.09
N VAL A 370 6.26 -6.11 -13.82
CA VAL A 370 7.27 -6.40 -12.79
C VAL A 370 7.66 -7.85 -13.00
N ALA A 371 8.91 -8.21 -12.66
CA ALA A 371 9.43 -9.54 -12.97
C ALA A 371 8.76 -10.71 -12.27
N SER A 372 7.88 -10.43 -11.28
CA SER A 372 7.08 -11.46 -10.65
C SER A 372 5.82 -11.83 -11.46
N GLY A 373 5.52 -11.10 -12.54
CA GLY A 373 4.34 -11.31 -13.34
C GLY A 373 3.22 -10.35 -12.94
N ARG A 374 3.45 -9.43 -11.98
CA ARG A 374 2.50 -8.40 -11.52
C ARG A 374 2.27 -7.38 -12.63
N VAL A 375 1.05 -7.17 -13.10
CA VAL A 375 0.79 -6.18 -14.14
C VAL A 375 -0.18 -5.11 -13.59
N ASN A 376 -0.05 -3.84 -13.94
CA ASN A 376 -0.97 -2.83 -13.44
C ASN A 376 -2.21 -2.69 -14.33
N VAL A 377 -3.38 -3.13 -13.86
CA VAL A 377 -4.65 -3.07 -14.56
C VAL A 377 -5.06 -1.63 -14.69
N ALA A 378 -4.73 -0.78 -13.71
CA ALA A 378 -5.16 0.61 -13.73
C ALA A 378 -4.40 1.42 -14.76
N GLY A 379 -3.34 0.80 -15.30
CA GLY A 379 -2.59 1.35 -16.41
C GLY A 379 -3.15 0.94 -17.78
N MET A 380 -4.20 0.11 -17.82
CA MET A 380 -4.80 -0.39 -19.06
C MET A 380 -5.96 0.49 -19.50
N THR A 381 -6.03 0.75 -20.80
CA THR A 381 -7.11 1.56 -21.39
C THR A 381 -7.72 0.79 -22.56
N PRO A 382 -8.88 1.13 -23.12
CA PRO A 382 -9.44 0.41 -24.26
C PRO A 382 -8.63 0.55 -25.52
N ASP A 383 -7.77 1.59 -25.53
CA ASP A 383 -6.87 1.85 -26.65
C ASP A 383 -5.59 1.08 -26.61
N ASN A 384 -5.04 0.76 -25.44
CA ASN A 384 -3.86 -0.08 -25.43
C ASN A 384 -4.14 -1.55 -25.13
N MET A 385 -5.39 -1.95 -24.89
CA MET A 385 -5.77 -3.31 -24.54
C MET A 385 -5.54 -4.38 -25.60
N ALA A 386 -5.78 -4.11 -26.89
CA ALA A 386 -5.54 -5.12 -27.88
C ALA A 386 -4.05 -5.31 -28.18
N PRO A 387 -3.16 -4.32 -28.40
CA PRO A 387 -1.74 -4.55 -28.61
C PRO A 387 -1.10 -5.30 -27.45
N LEU A 388 -1.61 -5.00 -26.27
CA LEU A 388 -1.22 -5.57 -25.01
C LEU A 388 -1.55 -7.04 -24.90
N CYS A 389 -2.81 -7.46 -25.15
CA CYS A 389 -3.19 -8.87 -25.07
C CYS A 389 -2.59 -9.68 -26.20
N GLU A 390 -2.32 -9.03 -27.34
CA GLU A 390 -1.62 -9.65 -28.46
C GLU A 390 -0.18 -9.99 -28.07
N ALA A 391 0.45 -9.12 -27.32
CA ALA A 391 1.80 -9.34 -26.86
C ALA A 391 1.81 -10.46 -25.85
N ILE A 392 0.87 -10.54 -24.91
CA ILE A 392 0.88 -11.61 -23.94
C ILE A 392 0.57 -12.96 -24.56
N VAL A 393 -0.35 -13.11 -25.54
CA VAL A 393 -0.65 -14.44 -26.05
C VAL A 393 0.51 -15.01 -26.86
N ALA A 394 1.33 -14.15 -27.46
CA ALA A 394 2.50 -14.55 -28.24
C ALA A 394 3.68 -15.04 -27.43
N VAL A 395 3.63 -14.77 -26.14
CA VAL A 395 4.71 -15.09 -25.22
C VAL A 395 4.37 -16.33 -24.38
N LEU A 396 3.09 -16.72 -24.35
CA LEU A 396 2.56 -17.92 -23.67
C LEU A 396 2.89 -19.27 -24.31
#